data_1GJC
#
_entry.id   1GJC
#
_cell.length_a   81.78
_cell.length_b   50.24
_cell.length_c   66.41
_cell.angle_alpha   90.0
_cell.angle_beta   113.60
_cell.angle_gamma   90.0
#
_symmetry.space_group_name_H-M   'C 1 2 1'
#
loop_
_entity.id
_entity.type
_entity.pdbx_description
1 polymer 'UROKINASE-TYPE PLASMINOGEN ACTIVATOR'
2 polymer 'UROKINASE-TYPE PLASMINOGEN ACTIVATOR'
3 non-polymer 'CITRIC ACID'
4 non-polymer 2-(2-HYDROXY-BIPHENYL)-1H-BENZOIMIDAZOLE-5-CARBOXAMIDINE
5 water water
#
loop_
_entity_poly.entity_id
_entity_poly.type
_entity_poly.pdbx_seq_one_letter_code
_entity_poly.pdbx_strand_id
1 'polypeptide(L)' KPSSPPEELKFQCGQKTLRPRFK A
2 'polypeptide(L)'
;IIGGEFTTIENQPWFAAIYRRHRGGSVTYVCGGSLMSPCWVISATHCFIDYPKKEDYIVYLGRSRLNSNTQGEMKFEVEN
LILHKDYSADTLAHHNDIALLKIRSKEGRCAQPSRTIQTICLPSMYNDPQFGTSCEITGFGKEASTDYLYPEQLKMTVVK
LISHRECQQPHYYGSEVTTKMLCAADPQWKTDSCQGDSGGPLVCSLQGRMTLTGIVSWGRGCALKDKPGVYTRVSHFLPW
IRSHTKEENGLAL
;
B
#
# COMPACT_ATOMS: atom_id res chain seq x y z
N LEU A 9 23.25 1.90 -5.74
CA LEU A 9 24.11 3.12 -5.75
C LEU A 9 23.26 4.30 -5.24
N LYS A 10 22.34 4.74 -6.06
CA LYS A 10 21.43 5.87 -5.72
C LYS A 10 20.06 5.31 -6.13
N PHE A 11 19.02 5.96 -5.75
CA PHE A 11 17.68 5.47 -6.10
C PHE A 11 17.31 5.81 -7.53
N GLN A 12 16.61 4.87 -8.12
CA GLN A 12 16.09 4.95 -9.51
C GLN A 12 14.74 4.36 -9.22
N CYS A 13 13.74 5.17 -9.10
CA CYS A 13 12.41 4.62 -8.79
C CYS A 13 11.96 3.56 -9.76
N GLY A 14 11.18 2.63 -9.27
CA GLY A 14 10.67 1.56 -10.17
C GLY A 14 11.62 0.46 -10.57
N GLN A 15 12.88 0.59 -10.28
CA GLN A 15 13.84 -0.49 -10.68
C GLN A 15 14.10 -1.61 -9.65
N LYS A 16 13.92 -2.85 -10.06
CA LYS A 16 14.15 -4.02 -9.13
C LYS A 16 15.54 -4.50 -9.60
N THR A 17 16.42 -4.95 -8.75
CA THR A 17 17.77 -5.39 -9.25
C THR A 17 18.13 -6.84 -8.82
N ILE B 1 -3.12 -11.36 1.16
CA ILE B 1 -3.38 -11.51 -0.29
C ILE B 1 -3.98 -12.91 -0.36
N ILE B 2 -4.99 -13.04 -1.18
CA ILE B 2 -5.66 -14.35 -1.37
C ILE B 2 -4.97 -14.84 -2.64
N GLY B 3 -4.41 -16.01 -2.69
CA GLY B 3 -3.76 -16.45 -3.96
C GLY B 3 -2.42 -15.74 -4.01
N GLY B 4 -1.88 -15.62 -5.19
CA GLY B 4 -0.59 -14.94 -5.27
C GLY B 4 0.48 -15.97 -5.02
N GLU B 5 1.68 -15.49 -4.98
CA GLU B 5 2.88 -16.32 -4.76
C GLU B 5 3.57 -15.68 -3.56
N PHE B 6 4.55 -16.35 -3.04
CA PHE B 6 5.29 -15.79 -1.87
C PHE B 6 6.47 -15.10 -2.57
N THR B 7 6.92 -14.00 -2.08
CA THR B 7 8.07 -13.30 -2.71
C THR B 7 9.03 -12.86 -1.62
N THR B 8 10.02 -12.15 -2.08
CA THR B 8 11.06 -11.63 -1.17
C THR B 8 10.97 -10.15 -1.51
N ILE B 9 11.51 -9.38 -0.63
CA ILE B 9 11.49 -7.92 -0.84
C ILE B 9 12.31 -7.51 -2.08
N GLU B 10 13.25 -8.31 -2.52
CA GLU B 10 14.02 -7.87 -3.72
C GLU B 10 13.03 -7.67 -4.88
N ASN B 11 11.90 -8.31 -4.81
CA ASN B 11 10.90 -8.15 -5.92
C ASN B 11 9.92 -7.01 -5.66
N GLN B 12 10.06 -6.37 -4.53
CA GLN B 12 9.19 -5.24 -4.12
C GLN B 12 9.99 -4.26 -3.25
N PRO B 13 11.10 -3.82 -3.72
CA PRO B 13 12.08 -3.12 -2.83
C PRO B 13 11.54 -1.77 -2.23
N TRP B 14 10.40 -1.35 -2.71
CA TRP B 14 9.77 -0.07 -2.23
C TRP B 14 8.73 -0.36 -1.17
N PHE B 15 8.47 -1.60 -0.92
CA PHE B 15 7.44 -1.92 0.11
C PHE B 15 7.97 -1.69 1.56
N ALA B 16 7.15 -1.06 2.35
CA ALA B 16 7.49 -0.75 3.76
C ALA B 16 6.46 -1.43 4.65
N ALA B 17 6.94 -1.94 5.77
CA ALA B 17 6.10 -2.67 6.79
C ALA B 17 6.01 -1.68 7.99
N ILE B 18 4.82 -1.32 8.35
CA ILE B 18 4.60 -0.37 9.47
C ILE B 18 4.02 -1.19 10.65
N TYR B 19 4.63 -1.05 11.81
CA TYR B 19 4.18 -1.79 13.04
C TYR B 19 3.87 -0.79 14.15
N ARG B 20 3.17 -1.25 15.15
CA ARG B 20 2.82 -0.38 16.30
C ARG B 20 3.39 -1.06 17.54
N ARG B 21 3.88 -0.29 18.46
CA ARG B 21 4.48 -0.86 19.70
C ARG B 21 3.38 -0.82 20.74
N HIS B 22 3.47 -1.71 21.67
CA HIS B 22 2.46 -1.77 22.77
C HIS B 22 3.30 -1.73 24.02
N ARG B 23 2.66 -1.37 25.09
CA ARG B 23 3.41 -1.31 26.38
C ARG B 23 3.17 -2.76 26.75
N GLY B 24 4.16 -3.45 27.20
CA GLY B 24 3.96 -4.88 27.55
C GLY B 24 5.05 -5.65 26.80
N GLY B 25 5.52 -5.10 25.71
CA GLY B 25 6.59 -5.79 24.94
C GLY B 25 6.32 -6.12 23.47
N SER B 26 5.07 -6.22 23.06
CA SER B 26 4.82 -6.56 21.64
C SER B 26 4.76 -5.40 20.65
N VAL B 27 4.99 -5.72 19.40
CA VAL B 27 4.95 -4.72 18.30
C VAL B 27 4.02 -5.53 17.37
N THR B 28 3.00 -4.93 16.80
CA THR B 28 2.13 -5.73 15.91
C THR B 28 2.13 -5.04 14.54
N TYR B 29 1.83 -5.80 13.55
CA TYR B 29 1.81 -5.21 12.17
C TYR B 29 0.59 -4.34 12.06
N VAL B 30 0.72 -3.27 11.35
CA VAL B 30 -0.42 -2.34 11.16
C VAL B 30 -0.82 -2.35 9.67
N CYS B 31 0.05 -1.80 8.85
CA CYS B 31 -0.23 -1.73 7.41
C CYS B 31 1.04 -1.71 6.59
N GLY B 32 0.82 -1.78 5.32
CA GLY B 32 1.94 -1.77 4.39
C GLY B 32 2.06 -0.30 3.94
N GLY B 33 3.03 0.00 3.14
CA GLY B 33 3.23 1.37 2.63
C GLY B 33 4.22 1.20 1.52
N SER B 34 4.59 2.30 0.96
CA SER B 34 5.58 2.27 -0.16
C SER B 34 6.54 3.47 0.03
N LEU B 35 7.77 3.35 -0.37
CA LEU B 35 8.76 4.47 -0.24
C LEU B 35 8.68 5.35 -1.53
N MET B 36 8.46 6.63 -1.39
CA MET B 36 8.38 7.54 -2.59
C MET B 36 9.72 8.22 -2.82
N SER B 37 10.34 8.68 -1.77
CA SER B 37 11.65 9.35 -1.87
C SER B 37 12.39 8.87 -0.60
N PRO B 38 13.65 9.15 -0.43
CA PRO B 38 14.38 8.61 0.74
C PRO B 38 13.73 8.81 2.15
N CYS B 39 13.08 9.93 2.37
CA CYS B 39 12.46 10.17 3.71
C CYS B 39 10.95 10.09 3.73
N TRP B 40 10.30 9.64 2.70
CA TRP B 40 8.81 9.58 2.77
C TRP B 40 8.15 8.28 2.37
N VAL B 41 7.27 7.80 3.19
CA VAL B 41 6.54 6.54 2.88
C VAL B 41 5.06 6.96 2.71
N ILE B 42 4.32 6.32 1.84
CA ILE B 42 2.91 6.70 1.66
C ILE B 42 2.12 5.42 1.99
N SER B 43 1.04 5.64 2.68
CA SER B 43 0.18 4.52 3.09
C SER B 43 -1.27 5.04 3.08
N ALA B 44 -2.08 4.49 3.94
CA ALA B 44 -3.52 4.88 4.06
C ALA B 44 -3.91 5.51 5.42
N THR B 45 -4.56 6.65 5.41
CA THR B 45 -5.00 7.33 6.70
C THR B 45 -5.77 6.37 7.64
N HIS B 46 -6.67 5.57 7.11
CA HIS B 46 -7.39 4.68 8.05
C HIS B 46 -6.49 3.73 8.85
N CYS B 47 -5.23 3.66 8.50
CA CYS B 47 -4.32 2.75 9.26
C CYS B 47 -3.84 3.43 10.55
N PHE B 48 -3.96 4.73 10.56
CA PHE B 48 -3.51 5.53 11.75
C PHE B 48 -4.64 6.24 12.47
N ILE B 49 -5.74 6.39 11.81
CA ILE B 49 -6.94 7.06 12.40
C ILE B 49 -7.31 6.72 13.85
N ASP B 50 -7.29 5.47 14.17
CA ASP B 50 -7.67 5.13 15.57
C ASP B 50 -6.54 5.23 16.58
N TYR B 51 -5.38 5.64 16.16
CA TYR B 51 -4.26 5.75 17.14
C TYR B 51 -3.17 6.64 16.52
N PRO B 52 -3.45 7.90 16.31
CA PRO B 52 -2.47 8.81 15.65
C PRO B 52 -1.27 9.24 16.53
N LYS B 53 -0.69 8.31 17.23
CA LYS B 53 0.49 8.60 18.12
C LYS B 53 1.75 8.17 17.38
N LYS B 54 2.23 9.02 16.51
CA LYS B 54 3.46 8.71 15.71
C LYS B 54 4.61 8.05 16.46
N GLU B 55 4.87 8.48 17.67
CA GLU B 55 6.01 7.85 18.44
C GLU B 55 5.80 6.36 18.67
N ASP B 56 4.60 5.88 18.51
CA ASP B 56 4.37 4.43 18.74
C ASP B 56 4.50 3.58 17.50
N TYR B 57 4.82 4.15 16.37
CA TYR B 57 4.93 3.29 15.15
C TYR B 57 6.39 3.09 14.72
N ILE B 58 6.69 1.96 14.15
CA ILE B 58 8.08 1.64 13.69
C ILE B 58 7.93 1.29 12.18
N VAL B 59 8.79 1.81 11.33
CA VAL B 59 8.68 1.48 9.88
C VAL B 59 9.94 0.68 9.52
N TYR B 60 9.76 -0.37 8.76
CA TYR B 60 10.91 -1.21 8.33
C TYR B 60 10.89 -1.28 6.80
N LEU B 61 12.08 -1.18 6.28
CA LEU B 61 12.38 -1.23 4.83
C LEU B 61 13.28 -2.46 4.68
N GLY B 62 13.22 -3.16 3.57
CA GLY B 62 14.06 -4.36 3.33
C GLY B 62 13.57 -5.58 4.10
N ARG B 63 12.28 -5.74 4.27
CA ARG B 63 11.73 -6.90 5.04
C ARG B 63 10.93 -7.93 4.23
N SER B 64 11.37 -9.16 4.25
CA SER B 64 10.64 -10.21 3.48
C SER B 64 9.73 -10.99 4.43
N ARG B 65 10.02 -10.98 5.71
CA ARG B 65 9.17 -11.74 6.67
C ARG B 65 8.58 -10.74 7.64
N LEU B 66 7.48 -11.14 8.18
CA LEU B 66 6.74 -10.29 9.14
C LEU B 66 7.33 -10.08 10.55
N ASN B 67 7.61 -11.15 11.21
CA ASN B 67 8.17 -11.04 12.60
C ASN B 67 9.61 -11.47 12.75
N SER B 68 10.24 -11.92 11.70
CA SER B 68 11.66 -12.33 11.86
C SER B 68 12.43 -11.27 11.12
N ASN B 69 13.72 -11.29 11.20
CA ASN B 69 14.50 -10.24 10.48
C ASN B 69 15.02 -10.78 9.13
N THR B 70 15.28 -9.81 8.30
CA THR B 70 15.81 -9.98 6.92
C THR B 70 17.12 -9.25 7.04
N GLN B 71 18.17 -9.77 6.48
CA GLN B 71 19.47 -9.06 6.58
C GLN B 71 19.31 -7.87 5.59
N GLY B 72 19.79 -6.72 5.96
CA GLY B 72 19.69 -5.55 5.05
C GLY B 72 18.53 -4.64 5.42
N GLU B 73 17.62 -5.11 6.24
CA GLU B 73 16.44 -4.26 6.61
C GLU B 73 16.86 -2.98 7.34
N MET B 74 16.04 -1.96 7.31
CA MET B 74 16.39 -0.67 8.00
C MET B 74 15.16 -0.38 8.84
N LYS B 75 15.34 0.08 10.04
CA LYS B 75 14.23 0.41 11.00
C LYS B 75 14.14 1.93 11.11
N PHE B 76 12.98 2.48 11.15
CA PHE B 76 12.81 3.96 11.26
C PHE B 76 11.72 4.27 12.27
N GLU B 77 11.76 5.51 12.63
CA GLU B 77 10.81 6.10 13.61
C GLU B 77 9.98 6.98 12.66
N VAL B 78 8.82 7.36 13.09
CA VAL B 78 7.94 8.21 12.24
C VAL B 78 8.18 9.61 12.73
N GLU B 79 8.86 10.39 11.93
CA GLU B 79 9.17 11.81 12.28
C GLU B 79 7.92 12.68 12.08
N ASN B 80 7.20 12.50 11.01
CA ASN B 80 5.96 13.35 10.82
C ASN B 80 4.94 12.37 10.30
N LEU B 81 3.74 12.46 10.75
CA LEU B 81 2.64 11.56 10.32
C LEU B 81 1.65 12.56 9.77
N ILE B 82 1.32 12.47 8.51
CA ILE B 82 0.35 13.41 7.92
C ILE B 82 -0.83 12.57 7.43
N LEU B 83 -1.96 12.86 7.97
CA LEU B 83 -3.19 12.13 7.60
C LEU B 83 -3.93 13.07 6.65
N HIS B 84 -4.97 12.58 6.02
CA HIS B 84 -5.70 13.46 5.07
C HIS B 84 -6.85 14.15 5.72
N LYS B 85 -6.86 15.43 5.51
CA LYS B 85 -7.94 16.28 6.05
C LYS B 85 -8.95 16.06 4.97
N ASP B 86 -10.06 15.56 5.40
CA ASP B 86 -11.25 15.22 4.59
C ASP B 86 -11.34 13.69 4.51
N TYR B 87 -10.63 13.01 5.38
CA TYR B 87 -10.69 11.51 5.36
C TYR B 87 -12.05 11.18 6.00
N SER B 88 -12.80 10.27 5.45
CA SER B 88 -14.12 9.90 6.03
C SER B 88 -14.31 8.44 5.68
N ALA B 89 -15.14 7.79 6.43
CA ALA B 89 -15.39 6.36 6.17
C ALA B 89 -16.88 6.24 6.32
N ASP B 90 -17.43 5.32 5.62
CA ASP B 90 -18.89 5.10 5.67
C ASP B 90 -18.97 3.62 5.92
N THR B 91 -20.10 3.07 5.63
CA THR B 91 -20.28 1.62 5.83
C THR B 91 -19.61 0.88 4.64
N LEU B 92 -18.29 0.89 4.59
CA LEU B 92 -17.46 0.22 3.51
C LEU B 92 -16.27 1.03 3.03
N ALA B 93 -16.62 2.09 2.37
CA ALA B 93 -15.55 2.97 1.81
C ALA B 93 -14.92 3.99 2.73
N HIS B 94 -13.74 4.33 2.33
CA HIS B 94 -12.89 5.31 3.04
C HIS B 94 -12.68 6.30 1.92
N HIS B 95 -12.73 7.56 2.22
CA HIS B 95 -12.55 8.59 1.19
C HIS B 95 -11.28 9.25 1.58
N ASN B 96 -10.55 9.71 0.60
CA ASN B 96 -9.24 10.40 0.87
C ASN B 96 -8.39 9.57 1.79
N ASP B 97 -8.26 8.33 1.45
CA ASP B 97 -7.46 7.39 2.29
C ASP B 97 -6.02 7.22 1.83
N ILE B 98 -5.28 8.28 2.04
CA ILE B 98 -3.86 8.33 1.68
C ILE B 98 -3.21 9.00 2.91
N ALA B 99 -2.01 8.65 3.29
CA ALA B 99 -1.31 9.27 4.47
C ALA B 99 0.18 9.27 4.12
N LEU B 100 0.92 10.13 4.77
CA LEU B 100 2.37 10.20 4.52
C LEU B 100 3.11 10.07 5.84
N LEU B 101 4.24 9.42 5.81
CA LEU B 101 5.05 9.23 7.05
C LEU B 101 6.45 9.67 6.70
N LYS B 102 7.02 10.55 7.46
CA LYS B 102 8.41 11.01 7.14
C LYS B 102 9.17 10.09 8.10
N ILE B 103 10.14 9.40 7.61
CA ILE B 103 10.92 8.48 8.47
C ILE B 103 12.29 8.99 8.85
N ARG B 104 12.73 8.65 10.03
CA ARG B 104 14.07 9.10 10.49
C ARG B 104 14.65 7.88 11.20
N SER B 105 15.90 7.63 10.98
CA SER B 105 16.62 6.47 11.60
C SER B 105 17.13 6.95 12.95
N LYS B 106 17.56 6.04 13.81
CA LYS B 106 18.07 6.48 15.16
C LYS B 106 19.37 7.25 15.02
N GLU B 107 19.95 7.16 13.86
CA GLU B 107 21.23 7.89 13.61
C GLU B 107 20.89 9.20 12.91
N GLY B 108 19.63 9.40 12.60
CA GLY B 108 19.18 10.66 11.93
C GLY B 108 19.18 10.63 10.44
N ARG B 109 19.16 9.47 9.85
CA ARG B 109 19.17 9.43 8.37
C ARG B 109 17.86 8.88 7.79
N CYS B 110 17.72 9.00 6.50
CA CYS B 110 16.51 8.51 5.81
C CYS B 110 16.93 7.19 5.15
N ALA B 111 16.11 6.65 4.27
CA ALA B 111 16.46 5.36 3.60
C ALA B 111 17.70 5.54 2.73
N GLN B 112 18.37 4.43 2.53
CA GLN B 112 19.61 4.37 1.71
C GLN B 112 19.29 3.24 0.69
N PRO B 113 19.78 3.32 -0.52
CA PRO B 113 19.35 2.40 -1.63
C PRO B 113 20.06 1.04 -1.56
N SER B 114 19.42 -0.06 -1.80
CA SER B 114 20.16 -1.35 -1.74
C SER B 114 19.45 -2.27 -2.72
N ARG B 115 19.64 -3.55 -2.61
CA ARG B 115 18.95 -4.50 -3.55
C ARG B 115 17.62 -4.84 -2.87
N THR B 116 17.43 -4.37 -1.66
CA THR B 116 16.17 -4.66 -0.96
C THR B 116 15.38 -3.37 -0.65
N ILE B 117 15.97 -2.21 -0.90
CA ILE B 117 15.32 -0.88 -0.66
C ILE B 117 15.41 0.03 -1.90
N GLN B 118 14.29 0.32 -2.55
CA GLN B 118 14.24 1.20 -3.80
C GLN B 118 12.95 2.06 -3.76
N THR B 119 12.87 3.17 -4.44
CA THR B 119 11.61 3.96 -4.37
C THR B 119 10.75 3.50 -5.51
N ILE B 120 9.51 3.87 -5.48
CA ILE B 120 8.59 3.48 -6.57
C ILE B 120 8.30 4.85 -7.21
N CYS B 121 7.83 4.86 -8.43
CA CYS B 121 7.55 6.16 -9.10
C CYS B 121 6.09 6.57 -8.96
N LEU B 122 5.89 7.85 -8.99
CA LEU B 122 4.52 8.40 -8.87
C LEU B 122 4.09 8.53 -10.31
N PRO B 123 2.79 8.52 -10.53
CA PRO B 123 2.22 8.87 -11.85
C PRO B 123 2.25 10.37 -12.04
N SER B 124 1.85 10.79 -13.20
CA SER B 124 1.82 12.25 -13.50
C SER B 124 0.35 12.59 -13.23
N MET B 125 0.13 13.85 -13.01
CA MET B 125 -1.24 14.38 -12.75
C MET B 125 -2.35 13.63 -13.45
N TYR B 126 -3.27 13.13 -12.65
CA TYR B 126 -4.45 12.35 -13.12
C TYR B 126 -4.19 11.42 -14.30
N ASN B 127 -3.02 10.85 -14.39
CA ASN B 127 -2.69 9.92 -15.53
C ASN B 127 -2.73 8.50 -14.98
N ASP B 128 -3.55 7.66 -15.54
CA ASP B 128 -3.66 6.23 -15.08
C ASP B 128 -3.45 5.29 -16.25
N PRO B 129 -3.16 4.05 -15.97
CA PRO B 129 -3.27 2.97 -17.00
C PRO B 129 -4.73 2.83 -17.44
N GLN B 130 -4.96 2.15 -18.53
CA GLN B 130 -6.35 1.97 -19.01
C GLN B 130 -6.84 0.72 -18.34
N PHE B 131 -8.14 0.62 -18.21
CA PHE B 131 -8.67 -0.60 -17.56
C PHE B 131 -8.12 -1.78 -18.38
N GLY B 132 -7.92 -2.88 -17.72
CA GLY B 132 -7.40 -4.06 -18.43
C GLY B 132 -5.97 -4.22 -17.95
N THR B 133 -5.23 -3.14 -17.85
CA THR B 133 -3.81 -3.30 -17.37
C THR B 133 -3.67 -4.26 -16.17
N SER B 134 -2.61 -5.03 -16.14
CA SER B 134 -2.37 -6.00 -15.01
C SER B 134 -1.42 -5.21 -14.13
N CYS B 135 -1.70 -5.21 -12.87
CA CYS B 135 -0.88 -4.48 -11.87
C CYS B 135 -0.65 -5.52 -10.81
N GLU B 136 0.28 -5.28 -9.94
CA GLU B 136 0.51 -6.29 -8.88
C GLU B 136 0.31 -5.64 -7.55
N ILE B 137 -0.12 -6.40 -6.60
CA ILE B 137 -0.34 -5.85 -5.24
C ILE B 137 0.53 -6.78 -4.38
N THR B 138 1.01 -6.27 -3.29
CA THR B 138 1.88 -7.06 -2.39
C THR B 138 1.55 -6.70 -0.91
N GLY B 139 1.89 -7.58 -0.01
CA GLY B 139 1.62 -7.30 1.42
C GLY B 139 1.62 -8.57 2.24
N PHE B 140 1.42 -8.36 3.51
CA PHE B 140 1.38 -9.44 4.53
C PHE B 140 -0.05 -9.64 5.06
N GLY B 141 -1.07 -9.29 4.32
CA GLY B 141 -2.45 -9.48 4.85
C GLY B 141 -2.94 -10.89 4.70
N LYS B 142 -4.09 -11.14 5.27
CA LYS B 142 -4.75 -12.48 5.25
C LYS B 142 -4.71 -13.25 3.94
N GLU B 143 -4.67 -14.54 4.10
CA GLU B 143 -4.63 -15.50 2.97
C GLU B 143 -6.01 -16.06 2.71
N ALA B 144 -6.90 -15.96 3.68
CA ALA B 144 -8.31 -16.45 3.55
C ALA B 144 -9.08 -15.44 4.33
N SER B 145 -10.31 -15.14 4.04
CA SER B 145 -11.00 -14.09 4.87
C SER B 145 -11.25 -14.58 6.31
N THR B 146 -11.24 -15.87 6.51
CA THR B 146 -11.48 -16.49 7.85
C THR B 146 -10.24 -16.61 8.75
N ASP B 147 -9.09 -16.35 8.19
CA ASP B 147 -7.86 -16.46 9.01
C ASP B 147 -7.86 -15.37 10.07
N TYR B 148 -7.11 -15.59 11.10
CA TYR B 148 -7.02 -14.56 12.17
C TYR B 148 -5.55 -14.21 12.41
N LEU B 149 -4.69 -14.80 11.62
CA LEU B 149 -3.21 -14.55 11.71
C LEU B 149 -2.83 -14.09 10.27
N TYR B 150 -1.68 -13.47 10.19
CA TYR B 150 -1.13 -12.95 8.91
C TYR B 150 0.03 -13.91 8.54
N PRO B 151 0.35 -14.02 7.27
CA PRO B 151 1.53 -14.80 6.85
C PRO B 151 2.79 -14.17 7.36
N GLU B 152 3.77 -15.01 7.42
CA GLU B 152 5.11 -14.62 7.89
C GLU B 152 5.94 -14.27 6.66
N GLN B 153 5.52 -14.66 5.49
CA GLN B 153 6.33 -14.34 4.27
C GLN B 153 5.54 -13.40 3.39
N LEU B 154 6.27 -12.55 2.77
CA LEU B 154 5.63 -11.55 1.87
C LEU B 154 4.96 -12.27 0.72
N LYS B 155 3.88 -11.72 0.28
CA LYS B 155 3.13 -12.31 -0.85
C LYS B 155 2.91 -11.20 -1.89
N MET B 156 2.58 -11.68 -3.04
CA MET B 156 2.31 -10.81 -4.20
C MET B 156 1.30 -11.50 -5.09
N THR B 157 0.63 -10.72 -5.90
CA THR B 157 -0.35 -11.31 -6.83
C THR B 157 -0.54 -10.22 -7.91
N VAL B 158 -1.22 -10.60 -8.97
CA VAL B 158 -1.49 -9.70 -10.11
C VAL B 158 -2.99 -9.59 -10.24
N VAL B 159 -3.45 -8.38 -10.41
CA VAL B 159 -4.90 -8.12 -10.54
C VAL B 159 -5.04 -7.15 -11.76
N LYS B 160 -6.20 -7.01 -12.29
CA LYS B 160 -6.38 -6.10 -13.44
C LYS B 160 -7.21 -4.92 -13.04
N LEU B 161 -6.94 -3.81 -13.67
CA LEU B 161 -7.72 -2.59 -13.35
C LEU B 161 -9.07 -2.72 -14.06
N ILE B 162 -10.16 -2.33 -13.45
CA ILE B 162 -11.48 -2.44 -14.14
C ILE B 162 -11.95 -0.97 -14.25
N SER B 163 -12.98 -0.75 -15.03
CA SER B 163 -13.51 0.64 -15.23
C SER B 163 -14.43 1.12 -14.11
N HIS B 164 -14.72 2.40 -14.06
CA HIS B 164 -15.60 2.88 -12.99
C HIS B 164 -16.93 2.37 -13.39
N ARG B 165 -17.28 2.50 -14.63
CA ARG B 165 -18.60 1.99 -15.08
C ARG B 165 -18.91 0.57 -14.55
N GLU B 166 -17.93 -0.29 -14.69
CA GLU B 166 -18.11 -1.70 -14.22
C GLU B 166 -18.21 -1.77 -12.72
N CYS B 167 -17.40 -1.02 -12.04
CA CYS B 167 -17.42 -1.05 -10.54
C CYS B 167 -18.68 -0.40 -9.94
N GLN B 168 -19.12 0.66 -10.55
CA GLN B 168 -20.33 1.36 -10.05
C GLN B 168 -21.59 0.68 -10.50
N GLN B 169 -21.50 -0.56 -10.86
CA GLN B 169 -22.76 -1.19 -11.28
C GLN B 169 -23.46 -1.46 -9.94
N PRO B 170 -24.76 -1.32 -9.86
CA PRO B 170 -25.52 -1.53 -8.61
C PRO B 170 -25.10 -2.79 -7.89
N HIS B 171 -24.94 -3.84 -8.66
CA HIS B 171 -24.55 -5.11 -8.02
C HIS B 171 -23.05 -5.29 -7.73
N TYR B 172 -22.33 -4.21 -7.69
CA TYR B 172 -20.86 -4.18 -7.39
C TYR B 172 -20.84 -3.21 -6.20
N TYR B 173 -20.41 -1.99 -6.40
CA TYR B 173 -20.38 -1.02 -5.25
C TYR B 173 -21.23 0.24 -5.50
N GLY B 174 -21.91 0.29 -6.61
CA GLY B 174 -22.76 1.48 -6.91
C GLY B 174 -21.99 2.77 -6.73
N SER B 175 -22.63 3.76 -6.17
CA SER B 175 -21.98 5.09 -5.95
C SER B 175 -20.94 5.14 -4.83
N GLU B 176 -20.71 4.02 -4.17
CA GLU B 176 -19.70 4.03 -3.06
C GLU B 176 -18.32 4.30 -3.62
N VAL B 177 -18.14 3.96 -4.88
CA VAL B 177 -16.83 4.17 -5.54
C VAL B 177 -16.92 5.52 -6.23
N THR B 178 -15.89 6.30 -6.08
CA THR B 178 -15.87 7.65 -6.70
C THR B 178 -14.70 7.76 -7.67
N THR B 179 -14.64 8.91 -8.27
CA THR B 179 -13.61 9.28 -9.25
C THR B 179 -12.19 9.26 -8.61
N LYS B 180 -12.14 9.29 -7.30
CA LYS B 180 -10.83 9.28 -6.56
C LYS B 180 -10.42 7.86 -6.07
N MET B 181 -11.10 6.88 -6.58
CA MET B 181 -10.81 5.47 -6.22
C MET B 181 -10.63 4.76 -7.57
N LEU B 182 -10.10 3.58 -7.48
CA LEU B 182 -9.83 2.69 -8.64
C LEU B 182 -10.23 1.31 -8.15
N CYS B 183 -10.69 0.47 -9.04
CA CYS B 183 -11.11 -0.91 -8.65
C CYS B 183 -10.23 -1.85 -9.42
N ALA B 184 -9.82 -2.91 -8.78
CA ALA B 184 -8.95 -3.90 -9.45
C ALA B 184 -9.45 -5.29 -9.07
N ALA B 185 -9.55 -6.23 -9.97
CA ALA B 185 -10.03 -7.59 -9.59
C ALA B 185 -9.33 -8.60 -10.48
N ASP B 186 -9.58 -9.84 -10.21
CA ASP B 186 -8.96 -10.91 -11.01
C ASP B 186 -10.14 -11.31 -11.86
N PRO B 187 -9.98 -11.40 -13.16
CA PRO B 187 -11.03 -11.93 -14.08
C PRO B 187 -11.86 -13.05 -13.48
N GLN B 188 -11.17 -13.97 -12.85
CA GLN B 188 -11.92 -15.11 -12.26
C GLN B 188 -12.10 -15.02 -10.74
N TRP B 189 -12.17 -13.82 -10.23
CA TRP B 189 -12.33 -13.54 -8.76
C TRP B 189 -11.61 -14.60 -7.88
N LYS B 190 -10.36 -14.83 -8.18
CA LYS B 190 -9.53 -15.83 -7.44
C LYS B 190 -8.45 -15.29 -6.53
N THR B 191 -7.93 -14.14 -6.84
CA THR B 191 -6.88 -13.56 -5.99
C THR B 191 -7.31 -12.10 -5.72
N ASP B 192 -6.81 -11.52 -4.65
CA ASP B 192 -7.19 -10.12 -4.29
C ASP B 192 -6.35 -9.69 -3.08
N SER B 193 -6.65 -8.50 -2.65
CA SER B 193 -5.99 -7.87 -1.48
C SER B 193 -7.01 -8.26 -0.38
N CYS B 194 -6.61 -8.15 0.85
CA CYS B 194 -7.54 -8.51 1.97
C CYS B 194 -7.05 -7.75 3.20
N GLN B 195 -7.75 -7.97 4.26
CA GLN B 195 -7.45 -7.31 5.56
C GLN B 195 -5.99 -7.62 5.84
N GLY B 196 -5.29 -6.59 6.20
CA GLY B 196 -3.84 -6.75 6.50
C GLY B 196 -3.02 -6.17 5.34
N ASP B 197 -3.67 -6.01 4.21
CA ASP B 197 -2.94 -5.42 3.03
C ASP B 197 -3.08 -3.90 2.92
N SER B 198 -4.02 -3.32 3.64
CA SER B 198 -4.22 -1.83 3.60
C SER B 198 -2.91 -1.02 3.58
N GLY B 199 -2.95 0.07 2.87
CA GLY B 199 -1.74 0.97 2.76
C GLY B 199 -0.70 0.51 1.80
N GLY B 200 -0.76 -0.75 1.44
CA GLY B 200 0.27 -1.23 0.50
C GLY B 200 -0.03 -0.73 -0.91
N PRO B 201 0.86 -1.03 -1.81
CA PRO B 201 0.82 -0.46 -3.17
C PRO B 201 0.14 -1.34 -4.21
N LEU B 202 -0.29 -0.69 -5.26
CA LEU B 202 -0.95 -1.26 -6.46
C LEU B 202 0.06 -0.68 -7.46
N VAL B 203 0.91 -1.51 -8.04
CA VAL B 203 1.94 -1.01 -9.04
C VAL B 203 1.61 -1.50 -10.48
N CYS B 204 1.69 -0.58 -11.40
CA CYS B 204 1.38 -0.90 -12.81
C CYS B 204 2.48 -0.22 -13.60
N SER B 205 2.60 -0.47 -14.86
CA SER B 205 3.67 0.22 -15.63
C SER B 205 2.97 1.36 -16.36
N LEU B 206 3.50 2.54 -16.26
CA LEU B 206 2.93 3.73 -16.93
C LEU B 206 4.09 4.36 -17.64
N GLN B 207 3.90 4.60 -18.89
CA GLN B 207 4.93 5.22 -19.76
C GLN B 207 6.33 4.67 -19.52
N GLY B 208 6.39 3.38 -19.36
CA GLY B 208 7.69 2.71 -19.13
C GLY B 208 8.05 2.46 -17.67
N ARG B 209 7.56 3.27 -16.76
CA ARG B 209 7.92 3.08 -15.31
C ARG B 209 6.93 2.26 -14.51
N MET B 210 7.44 1.72 -13.43
CA MET B 210 6.64 0.89 -12.50
C MET B 210 6.17 2.06 -11.68
N THR B 211 4.89 2.28 -11.70
CA THR B 211 4.26 3.40 -10.97
C THR B 211 3.28 2.91 -9.86
N LEU B 212 3.23 3.69 -8.82
CA LEU B 212 2.34 3.38 -7.66
C LEU B 212 1.03 3.92 -8.25
N THR B 213 0.14 3.08 -8.68
CA THR B 213 -1.13 3.60 -9.24
C THR B 213 -2.22 3.58 -8.11
N GLY B 214 -2.12 2.68 -7.17
CA GLY B 214 -3.15 2.66 -6.08
C GLY B 214 -2.62 2.19 -4.74
N ILE B 215 -3.41 2.47 -3.73
CA ILE B 215 -3.07 2.10 -2.32
C ILE B 215 -4.19 1.16 -1.94
N VAL B 216 -3.88 0.07 -1.30
CA VAL B 216 -4.96 -0.90 -0.90
C VAL B 216 -5.77 -0.07 0.13
N SER B 217 -7.06 -0.01 -0.09
CA SER B 217 -7.95 0.77 0.82
C SER B 217 -9.09 -0.10 1.45
N TRP B 218 -10.02 -0.54 0.64
CA TRP B 218 -11.14 -1.36 1.16
C TRP B 218 -11.64 -2.38 0.13
N GLY B 219 -12.70 -3.03 0.47
CA GLY B 219 -13.32 -4.05 -0.43
C GLY B 219 -14.29 -4.86 0.39
N ARG B 220 -15.32 -5.40 -0.21
CA ARG B 220 -16.31 -6.22 0.56
C ARG B 220 -15.79 -7.64 0.47
N GLY B 221 -15.42 -8.13 1.61
CA GLY B 221 -14.89 -9.51 1.65
C GLY B 221 -13.56 -9.44 0.93
N CYS B 222 -13.09 -10.61 0.63
CA CYS B 222 -11.81 -10.75 -0.08
C CYS B 222 -12.12 -11.79 -1.13
N ALA B 223 -11.74 -11.40 -2.31
CA ALA B 223 -11.90 -12.18 -3.58
C ALA B 223 -13.34 -12.67 -3.69
N LEU B 224 -14.28 -11.77 -3.55
CA LEU B 224 -15.71 -12.17 -3.66
C LEU B 224 -16.12 -11.77 -5.07
N LYS B 225 -17.02 -12.54 -5.60
CA LYS B 225 -17.49 -12.24 -6.98
C LYS B 225 -18.21 -10.90 -6.97
N ASP B 226 -17.87 -10.12 -7.97
CA ASP B 226 -18.41 -8.77 -8.20
C ASP B 226 -18.12 -7.78 -7.08
N LYS B 227 -17.12 -8.07 -6.29
CA LYS B 227 -16.71 -7.16 -5.15
C LYS B 227 -15.17 -7.00 -5.39
N PRO B 228 -14.85 -6.11 -6.31
CA PRO B 228 -13.46 -5.71 -6.61
C PRO B 228 -12.74 -5.16 -5.37
N GLY B 229 -11.47 -4.92 -5.50
CA GLY B 229 -10.74 -4.37 -4.33
C GLY B 229 -10.75 -2.91 -4.69
N VAL B 230 -10.81 -2.04 -3.73
CA VAL B 230 -10.81 -0.61 -4.08
C VAL B 230 -9.52 -0.02 -3.58
N TYR B 231 -8.97 0.83 -4.39
CA TYR B 231 -7.71 1.50 -4.10
C TYR B 231 -7.84 3.00 -4.22
N THR B 232 -6.94 3.69 -3.57
CA THR B 232 -6.98 5.20 -3.62
C THR B 232 -6.25 5.50 -4.96
N ARG B 233 -6.85 6.37 -5.71
CA ARG B 233 -6.32 6.79 -7.05
C ARG B 233 -5.23 7.85 -6.84
N VAL B 234 -4.05 7.36 -6.56
CA VAL B 234 -2.87 8.24 -6.33
C VAL B 234 -2.76 9.44 -7.35
N SER B 235 -2.93 9.21 -8.62
CA SER B 235 -2.84 10.29 -9.66
C SER B 235 -3.69 11.55 -9.33
N HIS B 236 -4.73 11.33 -8.57
CA HIS B 236 -5.65 12.45 -8.18
C HIS B 236 -5.26 13.13 -6.87
N PHE B 237 -4.22 12.65 -6.23
CA PHE B 237 -3.75 13.25 -4.95
C PHE B 237 -2.39 13.90 -5.13
N LEU B 238 -1.82 13.81 -6.31
CA LEU B 238 -0.49 14.45 -6.53
C LEU B 238 -0.35 15.87 -5.94
N PRO B 239 -1.29 16.76 -6.11
CA PRO B 239 -1.22 18.10 -5.44
C PRO B 239 -0.93 17.97 -3.95
N TRP B 240 -1.78 17.24 -3.29
CA TRP B 240 -1.69 16.99 -1.84
C TRP B 240 -0.28 16.44 -1.54
N ILE B 241 0.08 15.35 -2.17
CA ILE B 241 1.42 14.77 -1.94
C ILE B 241 2.48 15.85 -2.08
N ARG B 242 2.45 16.56 -3.17
CA ARG B 242 3.46 17.65 -3.38
C ARG B 242 3.41 18.58 -2.15
N SER B 243 2.26 19.12 -1.89
CA SER B 243 2.08 20.04 -0.72
C SER B 243 2.93 19.67 0.52
N HIS B 244 3.13 18.40 0.73
CA HIS B 244 3.91 17.96 1.92
C HIS B 244 5.29 17.39 1.62
N THR B 245 5.48 16.86 0.46
CA THR B 245 6.78 16.29 0.09
C THR B 245 7.43 17.29 -0.86
N LYS B 246 7.82 18.41 -0.32
CA LYS B 246 8.46 19.44 -1.19
C LYS B 246 9.97 19.58 -0.90
#